data_6QRJ
#
_entry.id   6QRJ
#
_cell.length_a   64.504
_cell.length_b   64.504
_cell.length_c   260.209
_cell.angle_alpha   90.000
_cell.angle_beta   90.000
_cell.angle_gamma   90.000
#
_symmetry.space_group_name_H-M   'P 43 2 2'
#
loop_
_entity.id
_entity.type
_entity.pdbx_description
1 polymer 'Hybrid kinase'
2 non-polymer 'PHOSPHOAMINOPHOSPHONIC ACID-ADENYLATE ESTER'
3 non-polymer 'MAGNESIUM ION'
4 water water
#
_entity_poly.entity_id   1
_entity_poly.type   'polypeptide(L)'
_entity_poly.pdbx_seq_one_letter_code
;VTPEQLATLSHEFRTPLNGVLGMARLLENTKLTAEQRSYVTALRESGDHLLSLVNDVLHFARLGAAAIELSLAPVDIEGL
LRQVAELMSPRAHEKGIEIAWAVSSPLPTILADEGRLRQILLNFAGNAVKFTEAGGVLLTASAIDGGRVRFSVADTGPGV
APDARARIFEAFVQTDVTHATQLGGAGLGLAIVSRLSAAMGGAVGVGGELGQGAEFWFEAPFATAAAPLRAAPLEGRNVA
IASPNAIVRAATARQIEAAGGRAYAAVDIASALAGAPADAVLLIDAALSGPRGALKPPAGRRSVVLLTPEQRDRIDRLKA
AGFSGYLIKPLRAASLVAQVLQAVTADGVAEDEPAHDDRIAGAVASGARVLLAEDNPINALLARTLLEREGCIVDRVADG
EQAIAAASAGVYDLILMDLRMPGLTGIEAARALRAKGVATPIAALTADAFDEDRRTCLAAGMDDFLVKPLTQEALRDALK
RWTT
;
_entity_poly.pdbx_strand_id   A
#
# COMPACT_ATOMS: atom_id res chain seq x y z
N VAL A 1 23.71 -9.81 19.44
CA VAL A 1 24.75 -9.98 20.44
C VAL A 1 25.02 -8.63 21.12
N THR A 2 25.44 -7.59 20.34
CA THR A 2 25.70 -6.16 20.72
C THR A 2 25.20 -5.27 19.58
N PRO A 3 24.97 -3.94 19.79
CA PRO A 3 24.73 -2.99 18.69
C PRO A 3 25.93 -2.52 17.86
N GLU A 4 27.07 -2.21 18.50
CA GLU A 4 28.36 -1.86 17.84
C GLU A 4 28.78 -3.05 16.93
N GLN A 5 28.69 -4.27 17.47
CA GLN A 5 29.13 -5.54 16.81
C GLN A 5 28.23 -5.80 15.59
N LEU A 6 26.95 -5.50 15.73
CA LEU A 6 25.93 -5.65 14.65
C LEU A 6 26.13 -4.62 13.53
N ALA A 7 26.43 -3.36 13.87
CA ALA A 7 26.63 -2.24 12.92
C ALA A 7 27.69 -2.59 11.88
N THR A 8 28.74 -3.34 12.27
CA THR A 8 29.83 -3.81 11.35
C THR A 8 29.46 -5.18 10.74
N LEU A 9 28.76 -6.07 11.47
CA LEU A 9 28.16 -7.33 10.95
C LEU A 9 27.32 -6.99 9.70
N SER A 10 26.47 -5.96 9.79
CA SER A 10 25.58 -5.51 8.67
C SER A 10 26.44 -5.08 7.48
N HIS A 11 27.34 -4.11 7.69
CA HIS A 11 28.35 -3.62 6.69
C HIS A 11 28.89 -4.83 5.90
N GLU A 12 29.31 -5.91 6.60
CA GLU A 12 30.01 -7.12 6.05
C GLU A 12 29.08 -8.07 5.29
N PHE A 13 27.85 -8.30 5.76
CA PHE A 13 26.85 -8.97 4.89
C PHE A 13 26.50 -8.02 3.76
N ARG A 14 26.09 -6.80 4.06
CA ARG A 14 25.57 -5.91 3.01
C ARG A 14 26.59 -5.66 1.91
N THR A 15 27.82 -5.25 2.24
CA THR A 15 28.81 -4.76 1.26
C THR A 15 28.93 -5.77 0.14
N PRO A 16 29.41 -7.01 0.38
CA PRO A 16 29.45 -7.99 -0.70
C PRO A 16 28.07 -8.18 -1.33
N LEU A 17 26.98 -8.06 -0.57
CA LEU A 17 25.64 -8.26 -1.18
C LEU A 17 25.36 -7.13 -2.16
N ASN A 18 25.55 -5.87 -1.78
CA ASN A 18 25.38 -4.77 -2.75
C ASN A 18 26.30 -5.02 -3.94
N GLY A 19 27.48 -5.54 -3.66
CA GLY A 19 28.47 -5.84 -4.71
C GLY A 19 27.85 -6.67 -5.80
N VAL A 20 27.30 -7.82 -5.44
CA VAL A 20 26.54 -8.72 -6.34
C VAL A 20 25.51 -7.92 -7.14
N LEU A 21 24.64 -7.17 -6.49
CA LEU A 21 23.51 -6.47 -7.18
C LEU A 21 24.02 -5.36 -8.09
N GLY A 22 25.06 -4.62 -7.69
CA GLY A 22 25.68 -3.61 -8.56
C GLY A 22 26.16 -4.26 -9.83
N MET A 23 26.77 -5.42 -9.69
CA MET A 23 27.30 -6.16 -10.84
C MET A 23 26.13 -6.62 -11.70
N ALA A 24 25.14 -7.31 -11.12
CA ALA A 24 23.90 -7.73 -11.84
C ALA A 24 23.35 -6.53 -12.61
N ARG A 25 23.19 -5.38 -11.95
CA ARG A 25 22.74 -4.15 -12.64
C ARG A 25 23.58 -3.98 -13.89
N LEU A 26 24.84 -3.58 -13.77
CA LEU A 26 25.71 -3.25 -14.93
C LEU A 26 25.52 -4.26 -16.05
N LEU A 27 25.63 -5.54 -15.71
CA LEU A 27 25.50 -6.62 -16.71
C LEU A 27 24.28 -6.42 -17.60
N GLU A 28 23.08 -6.21 -17.03
CA GLU A 28 21.76 -6.18 -17.75
C GLU A 28 21.69 -4.90 -18.59
N ASN A 29 22.40 -3.83 -18.20
CA ASN A 29 22.50 -2.59 -19.02
C ASN A 29 23.65 -2.69 -20.03
N THR A 30 23.83 -3.87 -20.66
CA THR A 30 24.81 -4.21 -21.75
C THR A 30 24.16 -5.30 -22.63
N LYS A 31 24.35 -5.26 -23.96
CA LYS A 31 23.69 -6.22 -24.87
C LYS A 31 24.12 -7.62 -24.43
N LEU A 32 23.19 -8.58 -24.42
CA LEU A 32 23.37 -9.90 -23.76
C LEU A 32 22.89 -11.00 -24.71
N THR A 33 21.92 -11.85 -24.36
CA THR A 33 21.34 -12.91 -25.24
C THR A 33 20.27 -13.72 -24.51
N ALA A 34 19.39 -14.41 -25.23
CA ALA A 34 18.79 -15.68 -24.76
C ALA A 34 19.86 -16.36 -23.89
N GLU A 35 19.48 -16.90 -22.73
CA GLU A 35 20.45 -17.48 -21.75
C GLU A 35 21.23 -16.33 -21.10
N GLN A 36 22.07 -15.64 -21.88
CA GLN A 36 22.98 -14.58 -21.36
C GLN A 36 22.22 -13.34 -20.84
N ARG A 37 20.89 -13.27 -21.03
CA ARG A 37 19.96 -12.37 -20.29
C ARG A 37 19.11 -13.22 -19.33
N SER A 38 18.81 -14.47 -19.73
CA SER A 38 18.17 -15.51 -18.87
C SER A 38 18.88 -15.53 -17.51
N TYR A 39 20.21 -15.43 -17.53
CA TYR A 39 21.07 -15.62 -16.34
C TYR A 39 21.04 -14.37 -15.47
N VAL A 40 21.18 -13.18 -16.03
CA VAL A 40 21.34 -11.89 -15.31
C VAL A 40 20.04 -11.47 -14.63
N THR A 41 18.91 -11.78 -15.27
CA THR A 41 17.54 -11.85 -14.67
C THR A 41 17.63 -12.77 -13.44
N ALA A 42 17.81 -14.10 -13.61
CA ALA A 42 17.62 -15.08 -12.50
C ALA A 42 18.65 -14.85 -11.38
N LEU A 43 19.64 -14.02 -11.64
CA LEU A 43 20.64 -13.68 -10.61
C LEU A 43 20.10 -12.53 -9.77
N ARG A 44 19.57 -11.49 -10.44
CA ARG A 44 19.07 -10.30 -9.73
C ARG A 44 17.91 -10.76 -8.86
N GLU A 45 17.31 -11.92 -9.16
CA GLU A 45 16.16 -12.41 -8.35
C GLU A 45 16.68 -13.08 -7.11
N SER A 46 17.60 -14.05 -7.27
CA SER A 46 18.25 -14.72 -6.11
C SER A 46 18.91 -13.67 -5.21
N GLY A 47 19.57 -12.67 -5.78
CA GLY A 47 20.17 -11.59 -4.98
C GLY A 47 19.13 -10.79 -4.23
N ASP A 48 18.11 -10.30 -4.92
CA ASP A 48 17.04 -9.45 -4.32
C ASP A 48 16.40 -10.20 -3.13
N HIS A 49 16.18 -11.51 -3.28
CA HIS A 49 15.54 -12.36 -2.23
C HIS A 49 16.43 -12.38 -0.99
N LEU A 50 17.68 -12.75 -1.17
CA LEU A 50 18.69 -12.81 -0.10
C LEU A 50 18.80 -11.47 0.64
N LEU A 51 18.79 -10.34 -0.07
CA LEU A 51 18.83 -8.99 0.53
C LEU A 51 17.63 -8.81 1.46
N SER A 52 16.47 -9.28 1.06
CA SER A 52 15.30 -9.11 1.94
C SER A 52 15.45 -10.05 3.15
N LEU A 53 16.01 -11.25 3.03
CA LEU A 53 16.29 -12.06 4.26
C LEU A 53 17.29 -11.32 5.16
N VAL A 54 18.29 -10.69 4.59
CA VAL A 54 19.36 -10.02 5.38
C VAL A 54 18.77 -8.80 6.09
N ASN A 55 18.01 -7.95 5.37
CA ASN A 55 17.42 -6.77 6.00
C ASN A 55 16.51 -7.24 7.12
N ASP A 56 15.80 -8.34 6.92
CA ASP A 56 14.80 -8.85 7.87
C ASP A 56 15.56 -9.18 9.14
N VAL A 57 16.56 -10.01 8.98
CA VAL A 57 17.33 -10.54 10.11
C VAL A 57 18.07 -9.41 10.82
N LEU A 58 18.48 -8.34 10.14
CA LEU A 58 19.26 -7.26 10.81
C LEU A 58 18.28 -6.34 11.50
N HIS A 59 17.14 -6.09 10.86
CA HIS A 59 16.00 -5.33 11.41
C HIS A 59 15.64 -5.96 12.74
N PHE A 60 15.41 -7.24 12.70
CA PHE A 60 14.99 -7.96 13.90
C PHE A 60 16.01 -7.72 14.99
N ALA A 61 17.26 -7.98 14.65
CA ALA A 61 18.39 -7.96 15.62
C ALA A 61 18.56 -6.57 16.23
N ARG A 62 18.42 -5.50 15.44
CA ARG A 62 18.65 -4.08 15.85
C ARG A 62 17.51 -3.58 16.76
N LEU A 63 16.42 -4.35 16.89
CA LEU A 63 15.19 -3.99 17.67
C LEU A 63 15.25 -4.61 19.07
N GLY A 64 16.03 -5.69 19.23
CA GLY A 64 16.33 -6.32 20.55
C GLY A 64 17.70 -5.92 21.12
N ALA A 65 18.41 -5.00 20.46
CA ALA A 65 19.84 -4.68 20.66
C ALA A 65 20.01 -3.34 21.37
N ALA A 66 18.95 -2.53 21.40
CA ALA A 66 18.93 -1.19 22.05
C ALA A 66 17.51 -0.94 22.56
N ALA A 67 17.27 0.16 23.28
CA ALA A 67 15.95 0.83 23.24
C ALA A 67 15.69 1.09 21.75
N ILE A 68 14.46 1.42 21.35
CA ILE A 68 14.26 2.07 20.02
C ILE A 68 13.67 3.44 20.30
N GLU A 69 13.91 4.39 19.38
CA GLU A 69 13.52 5.81 19.57
C GLU A 69 12.59 6.16 18.41
N LEU A 70 11.33 6.45 18.78
CA LEU A 70 10.21 6.82 17.87
C LEU A 70 10.36 8.30 17.52
N SER A 71 10.10 8.66 16.26
CA SER A 71 9.98 10.05 15.72
C SER A 71 8.48 10.43 15.62
N LEU A 72 7.85 10.80 16.75
CA LEU A 72 6.37 11.01 16.90
C LEU A 72 5.96 12.22 16.06
N ALA A 73 4.79 12.13 15.41
CA ALA A 73 4.25 13.10 14.44
C ALA A 73 2.74 12.94 14.36
N PRO A 74 1.96 13.96 13.88
CA PRO A 74 0.52 13.82 13.70
C PRO A 74 0.24 12.92 12.48
N VAL A 75 -0.45 11.81 12.64
CA VAL A 75 -0.81 10.95 11.48
C VAL A 75 -2.34 10.80 11.34
N ASP A 76 -2.83 10.85 10.10
CA ASP A 76 -4.23 10.55 9.72
C ASP A 76 -4.38 9.03 9.56
N ILE A 77 -5.07 8.40 10.51
CA ILE A 77 -5.27 6.91 10.55
C ILE A 77 -6.07 6.45 9.34
N GLU A 78 -7.15 7.12 9.00
CA GLU A 78 -7.99 6.69 7.85
C GLU A 78 -7.04 6.66 6.64
N GLY A 79 -6.15 7.67 6.48
CA GLY A 79 -5.15 7.84 5.40
C GLY A 79 -4.12 6.73 5.42
N LEU A 80 -3.97 6.06 6.56
CA LEU A 80 -2.89 5.06 6.79
C LEU A 80 -3.41 3.68 6.38
N LEU A 81 -4.54 3.29 6.94
CA LEU A 81 -5.34 2.13 6.46
C LEU A 81 -5.46 2.16 4.93
N ARG A 82 -5.72 3.32 4.37
CA ARG A 82 -5.92 3.40 2.91
C ARG A 82 -4.57 3.11 2.23
N GLN A 83 -3.49 3.74 2.67
CA GLN A 83 -2.18 3.59 2.01
C GLN A 83 -1.84 2.10 2.02
N VAL A 84 -2.08 1.39 3.11
CA VAL A 84 -1.66 -0.02 3.23
C VAL A 84 -2.53 -0.88 2.30
N ALA A 85 -3.86 -0.77 2.44
CA ALA A 85 -4.83 -1.40 1.53
C ALA A 85 -4.41 -1.18 0.08
N GLU A 86 -4.01 0.03 -0.30
CA GLU A 86 -3.65 0.37 -1.72
C GLU A 86 -2.29 -0.24 -2.14
N LEU A 87 -1.35 -0.39 -1.19
CA LEU A 87 -0.08 -1.11 -1.46
C LEU A 87 -0.38 -2.60 -1.63
N MET A 88 -1.18 -3.20 -0.78
CA MET A 88 -1.53 -4.64 -0.88
C MET A 88 -2.47 -4.87 -2.07
N SER A 89 -3.10 -3.84 -2.62
CA SER A 89 -4.22 -4.06 -3.56
C SER A 89 -3.74 -4.95 -4.72
N PRO A 90 -2.61 -4.68 -5.40
CA PRO A 90 -2.16 -5.55 -6.50
C PRO A 90 -1.95 -7.03 -6.15
N ARG A 91 -1.35 -7.37 -5.00
CA ARG A 91 -1.14 -8.78 -4.62
C ARG A 91 -2.50 -9.45 -4.61
N ALA A 92 -3.44 -8.86 -3.88
CA ALA A 92 -4.77 -9.44 -3.61
C ALA A 92 -5.56 -9.67 -4.91
N HIS A 93 -5.61 -8.66 -5.79
CA HIS A 93 -6.46 -8.72 -7.00
C HIS A 93 -5.88 -9.78 -7.93
N GLU A 94 -4.57 -10.06 -7.92
CA GLU A 94 -4.03 -11.05 -8.90
C GLU A 94 -4.26 -12.46 -8.35
N LYS A 95 -4.61 -12.63 -7.08
CA LYS A 95 -5.12 -13.94 -6.59
C LYS A 95 -6.64 -13.98 -6.61
N GLY A 96 -7.32 -12.87 -6.97
CA GLY A 96 -8.79 -12.80 -7.06
C GLY A 96 -9.46 -12.76 -5.69
N ILE A 97 -8.82 -12.10 -4.73
CA ILE A 97 -9.46 -11.75 -3.43
C ILE A 97 -9.58 -10.23 -3.35
N GLU A 98 -10.30 -9.75 -2.34
CA GLU A 98 -10.47 -8.29 -2.11
C GLU A 98 -9.77 -7.84 -0.84
N ILE A 99 -9.22 -6.63 -0.91
CA ILE A 99 -8.65 -5.90 0.26
C ILE A 99 -9.53 -4.65 0.38
N ALA A 100 -9.94 -4.30 1.57
CA ALA A 100 -10.73 -3.08 1.82
C ALA A 100 -10.43 -2.61 3.24
N TRP A 101 -10.62 -1.33 3.51
CA TRP A 101 -10.53 -0.79 4.89
C TRP A 101 -11.78 -0.01 5.24
N ALA A 102 -12.17 -0.03 6.51
CA ALA A 102 -13.13 0.96 7.05
C ALA A 102 -12.85 1.21 8.52
N VAL A 103 -13.21 2.43 8.91
CA VAL A 103 -13.43 2.89 10.32
C VAL A 103 -14.94 3.04 10.46
N SER A 104 -15.49 2.89 11.67
CA SER A 104 -16.94 2.95 11.99
C SER A 104 -17.36 4.40 12.30
N SER A 105 -16.53 5.08 13.09
CA SER A 105 -16.63 6.52 13.45
C SER A 105 -15.39 7.24 12.94
N PRO A 106 -15.44 8.57 12.67
CA PRO A 106 -14.22 9.38 12.70
C PRO A 106 -13.37 9.12 13.96
N LEU A 107 -12.08 8.78 13.76
CA LEU A 107 -11.05 8.68 14.83
C LEU A 107 -10.30 9.99 14.93
N PRO A 108 -9.51 10.20 16.00
CA PRO A 108 -8.66 11.41 16.12
C PRO A 108 -7.45 11.41 15.18
N THR A 109 -6.85 12.57 14.88
CA THR A 109 -5.48 12.68 14.33
C THR A 109 -4.57 12.34 15.52
N ILE A 110 -3.54 11.52 15.30
CA ILE A 110 -2.79 10.86 16.41
C ILE A 110 -1.28 11.19 16.35
N LEU A 111 -0.64 11.14 17.52
CA LEU A 111 0.82 11.35 17.71
C LEU A 111 1.50 9.99 17.89
N ALA A 112 2.04 9.47 16.78
CA ALA A 112 2.65 8.13 16.63
C ALA A 112 3.79 8.15 15.62
N ASP A 113 4.51 7.02 15.51
CA ASP A 113 5.56 6.87 14.49
C ASP A 113 4.95 6.22 13.23
N GLU A 114 4.68 7.02 12.19
CA GLU A 114 3.90 6.61 11.00
C GLU A 114 4.52 5.33 10.44
N GLY A 115 5.82 5.38 10.13
CA GLY A 115 6.58 4.31 9.48
C GLY A 115 6.52 3.01 10.25
N ARG A 116 6.72 3.06 11.58
CA ARG A 116 6.79 1.83 12.40
C ARG A 116 5.39 1.25 12.52
N LEU A 117 4.40 2.12 12.61
CA LEU A 117 2.99 1.67 12.73
C LEU A 117 2.57 0.96 11.43
N ARG A 118 2.85 1.61 10.30
CA ARG A 118 2.64 1.05 8.95
C ARG A 118 3.31 -0.33 8.85
N GLN A 119 4.49 -0.50 9.46
CA GLN A 119 5.30 -1.73 9.31
C GLN A 119 4.53 -2.87 9.95
N ILE A 120 4.03 -2.66 11.15
CA ILE A 120 3.08 -3.60 11.78
C ILE A 120 1.92 -3.95 10.81
N LEU A 121 1.20 -2.97 10.29
CA LEU A 121 0.00 -3.25 9.48
C LEU A 121 0.43 -3.98 8.21
N LEU A 122 1.56 -3.62 7.60
CA LEU A 122 2.04 -4.35 6.40
C LEU A 122 2.35 -5.79 6.81
N ASN A 123 2.91 -6.00 7.98
CA ASN A 123 3.29 -7.38 8.34
C ASN A 123 1.98 -8.19 8.42
N PHE A 124 0.99 -7.68 9.11
CA PHE A 124 -0.31 -8.37 9.29
C PHE A 124 -1.02 -8.58 7.95
N ALA A 125 -0.96 -7.55 7.11
CA ALA A 125 -1.69 -7.46 5.83
C ALA A 125 -1.06 -8.43 4.82
N GLY A 126 0.23 -8.27 4.54
CA GLY A 126 0.97 -9.26 3.74
C GLY A 126 0.61 -10.66 4.16
N ASN A 127 0.72 -10.97 5.45
CA ASN A 127 0.44 -12.34 5.94
C ASN A 127 -0.94 -12.72 5.42
N ALA A 128 -1.91 -11.85 5.65
CA ALA A 128 -3.34 -12.09 5.37
C ALA A 128 -3.50 -12.36 3.88
N VAL A 129 -2.91 -11.56 3.01
CA VAL A 129 -3.05 -11.74 1.54
C VAL A 129 -2.34 -13.02 1.15
N LYS A 130 -1.23 -13.33 1.81
CA LYS A 130 -0.46 -14.55 1.46
C LYS A 130 -1.34 -15.74 1.84
N PHE A 131 -1.97 -15.74 3.01
CA PHE A 131 -2.61 -16.95 3.57
C PHE A 131 -4.08 -17.13 3.14
N THR A 132 -4.76 -16.17 2.53
CA THR A 132 -6.17 -16.41 2.13
C THR A 132 -6.22 -16.74 0.64
N GLU A 133 -7.05 -17.71 0.31
CA GLU A 133 -7.30 -18.15 -1.09
C GLU A 133 -8.73 -17.73 -1.48
N ALA A 134 -9.57 -17.36 -0.49
CA ALA A 134 -11.03 -17.27 -0.65
C ALA A 134 -11.67 -15.90 -0.55
N GLY A 135 -11.96 -15.32 0.60
CA GLY A 135 -12.75 -14.07 0.52
C GLY A 135 -11.90 -12.83 0.25
N GLY A 136 -11.11 -12.44 1.25
CA GLY A 136 -10.33 -11.21 1.19
C GLY A 136 -9.99 -10.70 2.58
N VAL A 137 -9.55 -9.46 2.65
CA VAL A 137 -8.92 -8.91 3.87
C VAL A 137 -9.52 -7.56 4.21
N LEU A 138 -9.77 -7.33 5.49
CA LEU A 138 -10.37 -6.08 5.99
C LEU A 138 -9.45 -5.46 7.02
N LEU A 139 -8.92 -4.24 6.73
CA LEU A 139 -8.21 -3.34 7.68
C LEU A 139 -9.23 -2.46 8.40
N THR A 140 -9.15 -2.45 9.72
CA THR A 140 -10.12 -1.81 10.65
C THR A 140 -9.30 -1.10 11.72
N ALA A 141 -9.83 0.00 12.27
CA ALA A 141 -9.30 0.74 13.44
C ALA A 141 -10.46 1.39 14.20
N SER A 142 -10.47 1.35 15.53
CA SER A 142 -11.51 1.94 16.40
C SER A 142 -10.87 2.47 17.70
N ALA A 143 -11.29 3.66 18.16
CA ALA A 143 -10.86 4.25 19.45
C ALA A 143 -11.36 3.33 20.58
N ILE A 144 -10.59 3.13 21.66
CA ILE A 144 -11.07 2.51 22.93
C ILE A 144 -10.74 3.50 24.07
N ASP A 145 -11.13 3.15 25.28
CA ASP A 145 -10.96 4.00 26.48
C ASP A 145 -9.50 3.86 26.92
N GLY A 146 -8.93 4.92 27.52
CA GLY A 146 -7.54 5.03 27.97
C GLY A 146 -6.67 5.79 26.98
N GLY A 147 -7.29 6.51 26.02
CA GLY A 147 -6.59 7.15 24.89
C GLY A 147 -5.99 6.13 23.94
N ARG A 148 -6.59 4.93 23.87
CA ARG A 148 -6.04 3.73 23.19
C ARG A 148 -6.72 3.57 21.84
N VAL A 149 -5.95 3.13 20.84
CA VAL A 149 -6.43 2.77 19.49
C VAL A 149 -6.24 1.26 19.32
N ARG A 150 -7.04 0.62 18.47
CA ARG A 150 -6.97 -0.84 18.23
C ARG A 150 -7.12 -1.11 16.73
N PHE A 151 -6.10 -1.68 16.09
CA PHE A 151 -6.08 -1.96 14.64
C PHE A 151 -6.40 -3.44 14.41
N SER A 152 -7.19 -3.71 13.38
CA SER A 152 -7.56 -5.09 13.00
C SER A 152 -7.26 -5.27 11.53
N VAL A 153 -6.78 -6.49 11.26
CA VAL A 153 -6.60 -7.09 9.94
C VAL A 153 -7.29 -8.43 10.06
N ALA A 154 -8.45 -8.55 9.42
CA ALA A 154 -9.25 -9.78 9.37
C ALA A 154 -9.15 -10.41 7.99
N ASP A 155 -9.26 -11.72 7.90
CA ASP A 155 -9.01 -12.43 6.63
C ASP A 155 -9.87 -13.68 6.62
N THR A 156 -10.46 -14.04 5.49
CA THR A 156 -11.24 -15.29 5.31
C THR A 156 -10.29 -16.45 4.98
N GLY A 157 -9.11 -16.48 5.59
CA GLY A 157 -8.12 -17.56 5.39
C GLY A 157 -8.50 -18.83 6.14
N PRO A 158 -7.51 -19.71 6.42
CA PRO A 158 -7.77 -20.99 7.08
C PRO A 158 -7.63 -20.90 8.60
N GLY A 159 -7.31 -19.71 9.11
CA GLY A 159 -7.30 -19.36 10.54
C GLY A 159 -6.12 -19.98 11.25
N VAL A 160 -6.01 -19.77 12.56
CA VAL A 160 -4.87 -20.24 13.42
C VAL A 160 -5.40 -21.15 14.54
N ALA A 161 -4.85 -22.37 14.65
CA ALA A 161 -5.14 -23.37 15.72
C ALA A 161 -5.09 -22.66 17.06
N PRO A 162 -5.96 -23.01 18.04
CA PRO A 162 -6.10 -22.23 19.27
C PRO A 162 -4.80 -22.11 20.09
N ASP A 163 -3.99 -23.16 20.11
CA ASP A 163 -2.77 -23.27 20.97
C ASP A 163 -1.53 -22.75 20.23
N ALA A 164 -1.55 -22.77 18.89
CA ALA A 164 -0.50 -22.25 17.98
C ALA A 164 -0.40 -20.71 18.05
N ARG A 165 -1.24 -20.04 18.83
CA ARG A 165 -1.48 -18.57 18.75
C ARG A 165 -0.46 -17.76 19.56
N ALA A 166 0.31 -18.42 20.44
CA ALA A 166 1.43 -17.80 21.18
C ALA A 166 2.71 -18.00 20.37
N ARG A 167 2.96 -19.26 20.02
CA ARG A 167 4.07 -19.73 19.16
C ARG A 167 4.42 -18.66 18.13
N ILE A 168 3.47 -18.33 17.25
CA ILE A 168 3.78 -17.74 15.91
C ILE A 168 4.39 -16.32 16.00
N PHE A 169 4.39 -15.63 17.15
CA PHE A 169 4.97 -14.27 17.31
C PHE A 169 6.46 -14.37 17.70
N GLU A 170 7.02 -15.58 17.68
CA GLU A 170 8.44 -15.84 18.05
C GLU A 170 9.27 -15.93 16.75
N ALA A 171 10.59 -15.82 16.88
CA ALA A 171 11.55 -15.81 15.76
C ALA A 171 11.69 -17.21 15.18
N PHE A 172 11.57 -17.30 13.85
CA PHE A 172 11.94 -18.48 13.03
C PHE A 172 10.89 -19.59 13.23
N VAL A 173 9.68 -19.21 13.70
CA VAL A 173 8.50 -20.13 13.80
C VAL A 173 7.59 -19.90 12.57
N GLN A 174 7.19 -21.01 11.90
CA GLN A 174 6.77 -21.12 10.47
C GLN A 174 5.40 -21.85 10.35
N THR A 175 5.06 -22.44 9.18
CA THR A 175 3.86 -23.33 8.93
C THR A 175 4.30 -24.70 8.39
N ASP A 176 4.50 -25.70 9.26
CA ASP A 176 5.08 -27.03 8.90
C ASP A 176 5.22 -27.91 10.16
N GLY A 185 10.16 -16.58 4.50
CA GLY A 185 11.28 -17.54 4.58
C GLY A 185 11.93 -17.49 5.94
N ALA A 186 12.27 -16.29 6.38
CA ALA A 186 12.88 -16.01 7.70
C ALA A 186 11.92 -16.52 8.77
N GLY A 187 10.63 -16.22 8.61
CA GLY A 187 9.62 -16.37 9.66
C GLY A 187 9.87 -15.34 10.75
N LEU A 188 10.06 -14.07 10.35
CA LEU A 188 10.37 -12.97 11.29
C LEU A 188 9.29 -11.89 11.28
N GLY A 189 8.44 -11.81 10.28
CA GLY A 189 7.48 -10.71 10.14
C GLY A 189 6.66 -10.43 11.40
N LEU A 190 6.17 -11.46 12.07
CA LEU A 190 5.45 -11.27 13.35
C LEU A 190 6.45 -11.00 14.47
N ALA A 191 7.59 -11.69 14.54
CA ALA A 191 8.61 -11.38 15.59
C ALA A 191 8.90 -9.88 15.61
N ILE A 192 9.01 -9.28 14.42
CA ILE A 192 9.29 -7.84 14.25
C ILE A 192 8.10 -7.03 14.75
N VAL A 193 6.88 -7.53 14.55
CA VAL A 193 5.67 -6.81 15.04
C VAL A 193 5.64 -6.88 16.57
N SER A 194 6.00 -8.04 17.15
CA SER A 194 6.02 -8.23 18.64
C SER A 194 6.88 -7.16 19.30
N ARG A 195 7.97 -6.74 18.64
CA ARG A 195 8.97 -5.80 19.23
C ARG A 195 8.63 -4.37 18.84
N LEU A 196 7.92 -4.10 17.78
CA LEU A 196 7.41 -2.71 17.58
C LEU A 196 6.23 -2.49 18.55
N SER A 197 5.46 -3.53 18.85
CA SER A 197 4.34 -3.48 19.81
C SER A 197 4.86 -2.91 21.14
N ALA A 198 5.75 -3.67 21.80
CA ALA A 198 6.34 -3.34 23.12
C ALA A 198 6.94 -1.94 23.13
N ALA A 199 7.53 -1.49 22.02
CA ALA A 199 8.13 -0.14 21.88
C ALA A 199 7.05 0.94 21.89
N MET A 200 5.80 0.59 21.58
CA MET A 200 4.69 1.59 21.62
C MET A 200 3.87 1.38 22.89
N GLY A 201 4.38 0.58 23.83
CA GLY A 201 3.66 0.12 25.03
C GLY A 201 2.32 -0.45 24.63
N GLY A 202 2.32 -1.29 23.59
CA GLY A 202 1.11 -1.95 23.07
C GLY A 202 1.03 -3.41 23.46
N ALA A 203 0.03 -4.11 22.94
CA ALA A 203 -0.10 -5.58 22.93
C ALA A 203 -0.53 -6.00 21.52
N VAL A 204 -0.32 -7.25 21.17
CA VAL A 204 -0.76 -7.76 19.87
C VAL A 204 -1.29 -9.16 20.12
N GLY A 205 -2.26 -9.60 19.34
CA GLY A 205 -2.84 -10.93 19.54
C GLY A 205 -3.57 -11.33 18.31
N VAL A 206 -4.21 -12.49 18.36
CA VAL A 206 -4.90 -13.06 17.19
C VAL A 206 -6.17 -13.73 17.66
N GLY A 207 -7.22 -13.69 16.84
CA GLY A 207 -8.45 -14.45 17.08
C GLY A 207 -8.93 -15.18 15.86
N GLY A 208 -10.27 -15.21 15.75
CA GLY A 208 -11.01 -15.94 14.72
C GLY A 208 -11.31 -17.35 15.18
N GLU A 209 -11.10 -18.33 14.29
CA GLU A 209 -11.60 -19.71 14.42
C GLU A 209 -10.94 -20.54 13.32
N LEU A 210 -10.44 -21.73 13.65
CA LEU A 210 -9.81 -22.61 12.64
C LEU A 210 -10.78 -22.79 11.46
N GLY A 211 -10.32 -22.54 10.23
CA GLY A 211 -11.04 -22.82 8.99
C GLY A 211 -12.11 -21.79 8.63
N GLN A 212 -12.27 -20.71 9.40
CA GLN A 212 -13.23 -19.61 9.08
C GLN A 212 -12.45 -18.33 8.79
N GLY A 213 -11.56 -17.95 9.70
CA GLY A 213 -10.59 -16.90 9.40
C GLY A 213 -9.76 -16.55 10.60
N ALA A 214 -9.00 -15.46 10.51
CA ALA A 214 -8.04 -14.98 11.51
C ALA A 214 -8.20 -13.48 11.58
N GLU A 215 -8.22 -12.93 12.80
CA GLU A 215 -8.10 -11.48 13.01
C GLU A 215 -6.78 -11.25 13.72
N PHE A 216 -5.98 -10.36 13.19
CA PHE A 216 -4.71 -9.96 13.82
C PHE A 216 -4.92 -8.56 14.39
N TRP A 217 -4.49 -8.34 15.62
CA TRP A 217 -4.85 -7.06 16.26
C TRP A 217 -3.66 -6.47 17.00
N PHE A 218 -3.65 -5.15 17.04
CA PHE A 218 -2.71 -4.29 17.77
C PHE A 218 -3.47 -3.25 18.61
N GLU A 219 -3.17 -3.14 19.91
CA GLU A 219 -3.86 -2.25 20.89
C GLU A 219 -2.81 -1.39 21.65
N ALA A 220 -2.71 -0.12 21.29
CA ALA A 220 -1.65 0.82 21.72
C ALA A 220 -2.22 2.05 22.42
N PRO A 221 -2.00 2.25 23.74
CA PRO A 221 -2.06 3.59 24.33
C PRO A 221 -1.40 4.61 23.40
N PHE A 222 -2.10 5.68 23.00
CA PHE A 222 -1.57 6.76 22.13
C PHE A 222 -1.95 8.15 22.62
N ALA A 223 -1.23 9.10 22.04
CA ALA A 223 -1.44 10.54 22.23
C ALA A 223 -2.37 10.97 21.11
N THR A 224 -3.39 11.74 21.48
CA THR A 224 -4.33 12.48 20.61
C THR A 224 -3.79 13.88 20.32
N ALA A 225 -3.91 14.34 19.08
CA ALA A 225 -3.54 15.71 18.64
C ALA A 225 -4.77 16.56 18.33
N ALA A 226 -5.94 15.94 18.17
CA ALA A 226 -7.10 16.55 17.52
C ALA A 226 -8.43 16.01 18.07
N ALA A 227 -9.46 16.86 18.04
CA ALA A 227 -10.90 16.49 18.06
C ALA A 227 -11.20 15.68 16.80
N PRO A 228 -11.73 14.43 16.90
CA PRO A 228 -12.23 13.68 15.72
C PRO A 228 -13.33 14.32 14.85
N LEU A 229 -13.17 15.58 14.41
CA LEU A 229 -14.22 16.46 13.79
C LEU A 229 -15.17 15.62 12.93
N ARG A 230 -16.49 15.81 13.13
CA ARG A 230 -17.55 14.76 13.02
C ARG A 230 -18.50 15.03 11.86
N ALA A 231 -18.08 15.85 10.88
CA ALA A 231 -18.80 16.16 9.62
C ALA A 231 -19.35 14.86 8.97
N ALA A 232 -20.68 14.67 9.00
CA ALA A 232 -21.43 13.53 8.40
C ALA A 232 -22.18 14.00 7.17
N PRO A 233 -21.57 14.01 5.94
CA PRO A 233 -22.19 14.63 4.77
C PRO A 233 -23.10 13.67 4.02
N LEU A 234 -23.39 12.50 4.57
CA LEU A 234 -24.37 11.54 4.00
C LEU A 234 -25.56 11.36 4.96
N GLU A 235 -25.72 12.28 5.91
CA GLU A 235 -26.94 12.37 6.77
C GLU A 235 -28.18 12.36 5.87
N GLY A 236 -29.14 11.50 6.22
CA GLY A 236 -30.34 11.26 5.41
C GLY A 236 -30.10 10.13 4.44
N ARG A 237 -29.25 10.36 3.46
CA ARG A 237 -29.13 9.53 2.22
C ARG A 237 -29.02 8.03 2.56
N ASN A 238 -29.51 7.20 1.63
CA ASN A 238 -29.56 5.71 1.70
C ASN A 238 -28.69 5.10 0.61
N VAL A 239 -28.00 3.98 0.91
CA VAL A 239 -27.03 3.33 -0.03
C VAL A 239 -27.09 1.80 0.07
N ALA A 240 -27.38 1.15 -1.06
CA ALA A 240 -27.40 -0.32 -1.25
C ALA A 240 -26.10 -0.80 -1.90
N ILE A 241 -25.53 -1.89 -1.36
CA ILE A 241 -24.33 -2.60 -1.89
C ILE A 241 -24.83 -3.90 -2.45
N ALA A 242 -24.54 -4.19 -3.70
CA ALA A 242 -24.71 -5.56 -4.22
C ALA A 242 -23.32 -6.15 -4.49
N SER A 243 -22.84 -7.05 -3.66
CA SER A 243 -21.56 -7.76 -3.93
C SER A 243 -21.66 -9.15 -3.36
N PRO A 244 -21.14 -10.18 -4.07
CA PRO A 244 -21.07 -11.55 -3.54
C PRO A 244 -19.91 -11.77 -2.56
N ASN A 245 -18.95 -10.84 -2.56
CA ASN A 245 -17.77 -10.78 -1.65
C ASN A 245 -18.18 -10.17 -0.29
N ALA A 246 -17.89 -10.90 0.79
CA ALA A 246 -18.14 -10.55 2.21
C ALA A 246 -17.37 -9.31 2.61
N ILE A 247 -16.16 -9.09 2.12
CA ILE A 247 -15.30 -7.97 2.63
C ILE A 247 -15.82 -6.66 2.06
N VAL A 248 -16.19 -6.64 0.78
CA VAL A 248 -16.70 -5.42 0.10
C VAL A 248 -18.05 -5.02 0.71
N ARG A 249 -18.90 -6.00 1.00
CA ARG A 249 -20.14 -5.75 1.77
C ARG A 249 -19.81 -5.13 3.15
N ALA A 250 -18.97 -5.77 3.95
CA ALA A 250 -18.71 -5.33 5.34
C ALA A 250 -18.07 -3.94 5.38
N ALA A 251 -16.98 -3.77 4.65
CA ALA A 251 -16.22 -2.50 4.62
C ALA A 251 -17.08 -1.38 4.04
N THR A 252 -17.78 -1.65 2.94
CA THR A 252 -18.51 -0.62 2.16
C THR A 252 -19.66 -0.08 3.02
N ALA A 253 -20.37 -0.98 3.70
CA ALA A 253 -21.36 -0.66 4.76
C ALA A 253 -20.72 0.36 5.70
N ARG A 254 -19.92 -0.06 6.68
CA ARG A 254 -19.18 0.79 7.65
C ARG A 254 -18.68 2.13 7.10
N GLN A 255 -18.29 2.22 5.82
CA GLN A 255 -17.79 3.48 5.20
C GLN A 255 -18.93 4.49 5.02
N ILE A 256 -20.10 4.01 4.56
CA ILE A 256 -21.40 4.74 4.50
C ILE A 256 -21.72 5.34 5.88
N GLU A 257 -21.88 4.48 6.89
CA GLU A 257 -22.36 4.79 8.26
C GLU A 257 -21.39 5.70 9.00
N ALA A 258 -20.13 5.76 8.56
CA ALA A 258 -19.09 6.67 9.09
C ALA A 258 -19.35 8.09 8.59
N ALA A 259 -19.99 8.21 7.42
CA ALA A 259 -20.41 9.49 6.82
C ALA A 259 -21.90 9.82 7.18
N GLY A 260 -22.50 9.01 8.07
CA GLY A 260 -23.88 9.16 8.61
C GLY A 260 -24.96 8.78 7.62
N GLY A 261 -24.76 7.69 6.88
CA GLY A 261 -25.72 7.08 5.94
C GLY A 261 -26.25 5.78 6.51
N ARG A 262 -27.22 5.18 5.83
CA ARG A 262 -27.88 3.92 6.24
C ARG A 262 -27.57 2.98 5.10
N ALA A 263 -27.21 1.72 5.37
CA ALA A 263 -26.63 0.80 4.35
C ALA A 263 -27.44 -0.48 4.32
N TYR A 264 -27.73 -0.96 3.13
CA TYR A 264 -28.40 -2.26 2.88
C TYR A 264 -27.51 -3.05 1.92
N ALA A 265 -26.77 -4.01 2.45
CA ALA A 265 -25.88 -4.82 1.61
C ALA A 265 -26.65 -6.07 1.25
N ALA A 266 -26.41 -6.59 0.05
CA ALA A 266 -27.10 -7.78 -0.47
C ALA A 266 -26.08 -8.47 -1.33
N VAL A 267 -26.29 -9.75 -1.57
CA VAL A 267 -25.36 -10.61 -2.34
C VAL A 267 -25.60 -10.36 -3.83
N ASP A 268 -26.65 -9.60 -4.16
CA ASP A 268 -27.34 -9.70 -5.48
C ASP A 268 -27.89 -8.36 -5.95
N ILE A 269 -27.60 -8.05 -7.21
CA ILE A 269 -28.35 -7.08 -8.07
C ILE A 269 -29.85 -7.17 -7.73
N ALA A 270 -30.43 -8.38 -7.60
CA ALA A 270 -31.89 -8.65 -7.41
C ALA A 270 -32.32 -8.52 -5.93
N SER A 271 -31.51 -9.00 -4.98
CA SER A 271 -31.74 -8.87 -3.51
C SER A 271 -31.64 -7.40 -3.05
N ALA A 272 -30.59 -6.68 -3.43
CA ALA A 272 -30.40 -5.24 -3.11
C ALA A 272 -31.73 -4.51 -3.27
N LEU A 273 -32.21 -4.44 -4.53
CA LEU A 273 -33.55 -3.90 -4.91
C LEU A 273 -34.58 -4.43 -3.91
N ALA A 274 -34.52 -5.73 -3.59
CA ALA A 274 -35.58 -6.46 -2.86
C ALA A 274 -35.82 -5.81 -1.50
N GLY A 275 -34.75 -5.44 -0.79
CA GLY A 275 -34.81 -4.84 0.56
C GLY A 275 -33.88 -3.65 0.70
N ALA A 276 -34.23 -2.52 0.08
CA ALA A 276 -33.60 -1.18 0.20
C ALA A 276 -34.65 -0.10 -0.11
N PRO A 277 -34.65 1.05 0.59
CA PRO A 277 -35.45 2.21 0.18
C PRO A 277 -35.38 2.54 -1.31
N ALA A 278 -36.51 2.99 -1.88
CA ALA A 278 -36.65 3.23 -3.33
C ALA A 278 -35.80 4.42 -3.76
N ASP A 279 -35.60 5.42 -2.91
CA ASP A 279 -34.78 6.61 -3.25
C ASP A 279 -33.29 6.26 -3.13
N ALA A 280 -32.94 5.08 -2.58
CA ALA A 280 -31.54 4.63 -2.30
C ALA A 280 -30.72 4.55 -3.58
N VAL A 281 -29.41 4.79 -3.43
CA VAL A 281 -28.39 4.77 -4.52
C VAL A 281 -27.74 3.38 -4.52
N LEU A 282 -27.52 2.80 -5.70
CA LEU A 282 -27.06 1.39 -5.86
C LEU A 282 -25.59 1.35 -6.26
N LEU A 283 -24.77 0.77 -5.38
CA LEU A 283 -23.35 0.40 -5.58
C LEU A 283 -23.36 -1.06 -5.97
N ILE A 284 -22.86 -1.38 -7.16
CA ILE A 284 -22.90 -2.76 -7.72
C ILE A 284 -21.49 -3.25 -8.06
N ASP A 285 -21.06 -4.34 -7.46
CA ASP A 285 -19.74 -4.94 -7.72
C ASP A 285 -19.77 -5.55 -9.13
N ALA A 286 -18.79 -5.25 -9.99
CA ALA A 286 -18.61 -5.90 -11.31
C ALA A 286 -18.29 -7.39 -11.20
N ALA A 287 -18.09 -7.90 -9.98
CA ALA A 287 -17.96 -9.36 -9.75
C ALA A 287 -19.31 -10.04 -10.01
N LEU A 288 -20.37 -9.27 -10.14
CA LEU A 288 -21.70 -9.79 -10.49
C LEU A 288 -21.89 -9.76 -12.02
N SER A 289 -20.88 -9.39 -12.78
CA SER A 289 -21.00 -9.39 -14.25
C SER A 289 -21.32 -10.83 -14.70
N GLY A 290 -22.34 -10.98 -15.53
CA GLY A 290 -22.65 -12.23 -16.24
C GLY A 290 -21.76 -12.29 -17.48
N PRO A 291 -22.03 -13.20 -18.43
CA PRO A 291 -21.24 -13.31 -19.66
C PRO A 291 -21.01 -12.01 -20.46
N ARG A 292 -19.81 -11.87 -21.04
CA ARG A 292 -19.34 -10.77 -21.92
C ARG A 292 -19.10 -9.50 -21.09
N GLY A 293 -19.10 -9.61 -19.77
CA GLY A 293 -19.18 -8.46 -18.86
C GLY A 293 -20.54 -7.75 -18.94
N ALA A 294 -21.63 -8.51 -18.99
CA ALA A 294 -23.03 -8.03 -18.88
C ALA A 294 -23.33 -7.51 -17.47
N LEU A 295 -23.60 -6.23 -17.30
CA LEU A 295 -24.03 -5.71 -16.00
C LEU A 295 -25.07 -4.60 -16.20
N LYS A 296 -26.34 -4.87 -15.89
CA LYS A 296 -27.51 -3.97 -16.18
C LYS A 296 -27.70 -3.03 -15.00
N PRO A 297 -27.54 -1.70 -15.17
CA PRO A 297 -27.87 -0.80 -14.09
C PRO A 297 -29.40 -0.93 -14.00
N PRO A 298 -30.00 -1.34 -12.87
CA PRO A 298 -31.43 -1.69 -12.87
C PRO A 298 -32.24 -0.47 -13.28
N ALA A 299 -33.15 -0.64 -14.22
CA ALA A 299 -33.90 0.46 -14.87
C ALA A 299 -34.38 1.51 -13.85
N GLY A 300 -33.96 2.77 -14.01
CA GLY A 300 -34.56 3.95 -13.33
C GLY A 300 -34.09 4.14 -11.89
N ARG A 301 -32.82 3.79 -11.64
CA ARG A 301 -32.14 3.86 -10.32
C ARG A 301 -30.79 4.50 -10.55
N ARG A 302 -30.30 5.36 -9.65
CA ARG A 302 -28.89 5.88 -9.70
C ARG A 302 -27.99 4.75 -9.23
N SER A 303 -27.03 4.32 -10.04
CA SER A 303 -26.15 3.16 -9.75
C SER A 303 -24.70 3.50 -10.11
N VAL A 304 -23.79 3.02 -9.27
CA VAL A 304 -22.31 3.21 -9.39
C VAL A 304 -21.70 1.81 -9.45
N VAL A 305 -20.89 1.55 -10.46
CA VAL A 305 -20.19 0.24 -10.56
C VAL A 305 -18.88 0.28 -9.74
N LEU A 306 -18.59 -0.80 -9.02
CA LEU A 306 -17.29 -0.97 -8.29
C LEU A 306 -16.41 -1.87 -9.16
N LEU A 307 -15.32 -1.31 -9.67
CA LEU A 307 -14.34 -1.95 -10.56
C LEU A 307 -13.01 -2.12 -9.82
N THR A 308 -12.26 -3.15 -10.15
CA THR A 308 -10.81 -3.20 -9.88
C THR A 308 -10.09 -2.39 -10.94
N PRO A 309 -8.89 -1.86 -10.66
CA PRO A 309 -8.16 -1.08 -11.65
C PRO A 309 -8.02 -1.74 -13.05
N GLU A 310 -7.90 -3.07 -13.12
CA GLU A 310 -7.69 -3.81 -14.39
C GLU A 310 -8.96 -3.71 -15.26
N GLN A 311 -10.09 -3.70 -14.59
CA GLN A 311 -11.41 -3.61 -15.25
C GLN A 311 -11.64 -2.18 -15.76
N ARG A 312 -10.61 -1.34 -15.84
CA ARG A 312 -10.75 0.12 -16.09
C ARG A 312 -11.41 0.38 -17.45
N ASP A 313 -11.10 -0.38 -18.49
CA ASP A 313 -11.51 -0.01 -19.88
C ASP A 313 -12.95 -0.47 -20.15
N ARG A 314 -13.59 -1.14 -19.20
CA ARG A 314 -15.05 -1.37 -19.13
C ARG A 314 -15.83 -0.08 -18.77
N ILE A 315 -15.19 1.01 -18.35
CA ILE A 315 -15.89 2.17 -17.73
C ILE A 315 -16.73 2.87 -18.81
N ASP A 316 -16.27 2.85 -20.04
CA ASP A 316 -17.02 3.47 -21.15
C ASP A 316 -18.27 2.66 -21.47
N ARG A 317 -18.17 1.34 -21.66
CA ARG A 317 -19.35 0.49 -21.97
C ARG A 317 -20.35 0.67 -20.82
N LEU A 318 -19.93 0.66 -19.57
CA LEU A 318 -20.87 0.67 -18.42
C LEU A 318 -21.48 2.05 -18.20
N LYS A 319 -20.95 3.12 -18.78
CA LYS A 319 -21.59 4.47 -18.68
C LYS A 319 -22.69 4.61 -19.76
N ALA A 320 -22.49 3.97 -20.90
CA ALA A 320 -23.45 3.88 -22.02
C ALA A 320 -24.64 3.01 -21.60
N ALA A 321 -24.40 1.92 -20.86
CA ALA A 321 -25.46 1.08 -20.25
C ALA A 321 -26.26 1.89 -19.23
N GLY A 322 -25.73 3.01 -18.74
CA GLY A 322 -26.47 3.94 -17.87
C GLY A 322 -26.07 3.89 -16.41
N PHE A 323 -24.87 3.45 -16.09
CA PHE A 323 -24.30 3.64 -14.74
C PHE A 323 -24.00 5.13 -14.68
N SER A 324 -24.20 5.82 -13.57
CA SER A 324 -23.89 7.27 -13.46
C SER A 324 -22.41 7.46 -13.12
N GLY A 325 -21.77 6.45 -12.51
CA GLY A 325 -20.32 6.49 -12.26
C GLY A 325 -19.77 5.19 -11.70
N TYR A 326 -18.48 5.24 -11.36
CA TYR A 326 -17.65 4.07 -10.97
C TYR A 326 -16.90 4.45 -9.69
N LEU A 327 -16.63 3.46 -8.84
CA LEU A 327 -15.60 3.55 -7.79
C LEU A 327 -14.55 2.45 -8.01
N ILE A 328 -13.29 2.74 -7.70
CA ILE A 328 -12.19 1.74 -7.76
C ILE A 328 -12.02 1.10 -6.39
N LYS A 329 -11.80 -0.21 -6.36
CA LYS A 329 -11.59 -0.99 -5.12
C LYS A 329 -10.09 -1.20 -4.97
N PRO A 330 -9.56 -1.10 -3.74
CA PRO A 330 -10.36 -0.82 -2.55
C PRO A 330 -10.90 0.61 -2.42
N LEU A 331 -12.14 0.76 -1.98
CA LEU A 331 -12.92 2.02 -1.98
C LEU A 331 -12.26 3.07 -1.10
N ARG A 332 -12.08 4.27 -1.64
CA ARG A 332 -11.72 5.47 -0.89
C ARG A 332 -13.03 6.07 -0.42
N ALA A 333 -13.19 6.26 0.88
CA ALA A 333 -14.41 6.85 1.49
C ALA A 333 -14.68 8.24 0.89
N ALA A 334 -13.64 9.03 0.65
CA ALA A 334 -13.73 10.35 0.00
C ALA A 334 -14.41 10.24 -1.38
N SER A 335 -14.02 9.28 -2.23
CA SER A 335 -14.58 9.18 -3.61
C SER A 335 -15.96 8.52 -3.55
N LEU A 336 -16.14 7.61 -2.58
CA LEU A 336 -17.48 7.07 -2.23
C LEU A 336 -18.40 8.25 -2.04
N VAL A 337 -18.10 9.12 -1.08
CA VAL A 337 -19.02 10.26 -0.75
C VAL A 337 -19.29 11.08 -2.02
N ALA A 338 -18.27 11.42 -2.80
CA ALA A 338 -18.39 12.26 -4.02
C ALA A 338 -19.40 11.68 -5.03
N GLN A 339 -19.64 10.37 -5.00
CA GLN A 339 -20.39 9.63 -6.05
C GLN A 339 -21.85 9.55 -5.61
N VAL A 340 -22.11 9.14 -4.36
CA VAL A 340 -23.47 9.15 -3.73
C VAL A 340 -24.09 10.54 -3.90
N LEU A 341 -23.33 11.61 -3.62
CA LEU A 341 -23.81 13.02 -3.78
C LEU A 341 -23.99 13.34 -5.28
N GLN A 342 -24.06 12.30 -6.12
CA GLN A 342 -24.74 12.32 -7.44
C GLN A 342 -25.98 11.42 -7.35
N ALA A 343 -26.77 11.73 -6.34
CA ALA A 343 -28.24 11.66 -6.34
C ALA A 343 -28.79 12.95 -6.98
N VAL A 344 -27.97 13.68 -7.78
CA VAL A 344 -28.36 14.90 -8.56
C VAL A 344 -28.76 14.47 -9.98
N GLU A 353 -18.36 15.21 -12.21
CA GLU A 353 -18.10 16.30 -11.22
C GLU A 353 -16.88 15.95 -10.33
N PRO A 354 -16.56 14.67 -9.95
CA PRO A 354 -15.24 14.34 -9.37
C PRO A 354 -14.19 13.92 -10.41
N ALA A 355 -12.92 14.13 -10.11
CA ALA A 355 -11.80 13.77 -11.01
C ALA A 355 -11.71 12.23 -11.10
N HIS A 356 -11.23 11.71 -12.24
CA HIS A 356 -10.86 10.28 -12.48
C HIS A 356 -9.86 9.80 -11.43
N ASP A 357 -10.27 8.85 -10.58
CA ASP A 357 -9.36 8.09 -9.68
C ASP A 357 -7.97 8.02 -10.31
N ASP A 358 -6.94 8.29 -9.51
CA ASP A 358 -5.51 8.28 -9.90
C ASP A 358 -5.11 6.84 -10.29
N ARG A 359 -5.81 5.81 -9.77
CA ARG A 359 -5.40 4.40 -10.02
C ARG A 359 -5.75 3.94 -11.44
N ILE A 360 -6.60 4.64 -12.19
CA ILE A 360 -6.90 4.23 -13.60
C ILE A 360 -6.50 5.35 -14.55
N ALA A 361 -5.87 6.37 -13.99
CA ALA A 361 -5.35 7.55 -14.72
C ALA A 361 -4.16 7.10 -15.56
N GLY A 362 -3.31 6.22 -15.01
CA GLY A 362 -2.07 5.77 -15.67
C GLY A 362 -2.25 5.65 -17.17
N ALA A 363 -1.23 5.96 -17.96
CA ALA A 363 -1.17 5.58 -19.39
C ALA A 363 -0.91 4.08 -19.48
N VAL A 364 -0.15 3.53 -18.53
CA VAL A 364 0.09 2.07 -18.40
C VAL A 364 -0.34 1.64 -16.99
N ALA A 365 0.38 2.13 -15.98
CA ALA A 365 0.36 1.59 -14.60
C ALA A 365 -1.04 1.74 -13.99
N SER A 366 -1.20 1.15 -12.81
CA SER A 366 -1.97 1.67 -11.66
C SER A 366 -1.02 2.61 -10.88
N GLY A 367 -1.54 3.29 -9.85
CA GLY A 367 -0.91 4.42 -9.15
C GLY A 367 0.38 4.08 -8.41
N ALA A 368 1.51 4.14 -9.10
CA ALA A 368 2.84 4.10 -8.46
C ALA A 368 2.98 5.28 -7.47
N ARG A 369 3.35 5.00 -6.22
CA ARG A 369 3.81 6.01 -5.21
C ARG A 369 5.26 6.36 -5.59
N VAL A 370 5.59 7.63 -5.72
CA VAL A 370 6.92 8.05 -6.26
C VAL A 370 7.55 9.08 -5.34
N LEU A 371 8.83 8.92 -5.03
CA LEU A 371 9.59 9.95 -4.30
C LEU A 371 10.40 10.77 -5.30
N LEU A 372 10.24 12.09 -5.21
CA LEU A 372 10.86 13.07 -6.12
C LEU A 372 11.91 13.87 -5.34
N ALA A 373 13.18 13.67 -5.64
CA ALA A 373 14.31 14.46 -5.12
C ALA A 373 14.66 15.53 -6.17
N GLU A 374 14.23 16.78 -5.94
CA GLU A 374 14.52 17.96 -6.80
C GLU A 374 14.54 19.19 -5.87
N ASP A 375 15.53 20.08 -5.98
CA ASP A 375 15.66 21.21 -5.02
C ASP A 375 15.02 22.48 -5.57
N ASN A 376 14.90 22.57 -6.90
CA ASN A 376 14.17 23.69 -7.54
C ASN A 376 12.66 23.44 -7.45
N PRO A 377 11.90 24.21 -6.62
CA PRO A 377 10.45 24.05 -6.48
C PRO A 377 9.63 24.04 -7.78
N ILE A 378 10.07 24.83 -8.77
CA ILE A 378 9.35 24.99 -10.06
C ILE A 378 9.65 23.82 -11.02
N ASN A 379 10.83 23.21 -10.98
CA ASN A 379 11.14 22.00 -11.80
C ASN A 379 10.42 20.79 -11.19
N ALA A 380 10.27 20.78 -9.87
CA ALA A 380 9.50 19.78 -9.12
C ALA A 380 8.05 19.87 -9.58
N LEU A 381 7.52 21.08 -9.61
CA LEU A 381 6.13 21.32 -10.05
C LEU A 381 5.89 20.62 -11.41
N LEU A 382 6.76 20.85 -12.41
CA LEU A 382 6.54 20.36 -13.80
C LEU A 382 6.65 18.83 -13.85
N ALA A 383 7.47 18.23 -12.98
CA ALA A 383 7.65 16.76 -12.87
C ALA A 383 6.39 16.16 -12.24
N ARG A 384 6.05 16.63 -11.04
CA ARG A 384 4.79 16.34 -10.32
C ARG A 384 3.64 16.40 -11.33
N THR A 385 3.60 17.38 -12.22
CA THR A 385 2.44 17.56 -13.13
C THR A 385 2.34 16.40 -14.14
N LEU A 386 3.45 15.85 -14.64
CA LEU A 386 3.38 14.70 -15.59
C LEU A 386 3.22 13.41 -14.80
N LEU A 387 3.80 13.38 -13.60
CA LEU A 387 3.72 12.22 -12.67
C LEU A 387 2.26 11.96 -12.33
N GLU A 388 1.50 12.94 -11.82
CA GLU A 388 0.11 12.79 -11.27
C GLU A 388 -0.86 12.49 -12.41
N ARG A 389 -0.44 12.79 -13.62
CA ARG A 389 -1.15 12.55 -14.89
C ARG A 389 -0.84 11.14 -15.44
N GLU A 390 0.00 10.34 -14.77
CA GLU A 390 0.04 8.86 -15.00
C GLU A 390 -0.30 8.13 -13.68
N GLY A 391 -0.99 8.83 -12.77
CA GLY A 391 -1.68 8.22 -11.63
C GLY A 391 -0.81 8.11 -10.41
N CYS A 392 0.44 8.55 -10.53
CA CYS A 392 1.42 8.58 -9.41
C CYS A 392 0.89 9.46 -8.27
N ILE A 393 1.10 8.98 -7.05
CA ILE A 393 1.04 9.75 -5.78
C ILE A 393 2.47 10.16 -5.47
N VAL A 394 2.72 11.46 -5.36
CA VAL A 394 4.14 11.90 -5.38
C VAL A 394 4.45 12.69 -4.11
N ASP A 395 5.59 12.36 -3.49
CA ASP A 395 6.20 13.16 -2.41
C ASP A 395 7.52 13.73 -2.93
N ARG A 396 7.75 14.98 -2.55
CA ARG A 396 8.87 15.80 -3.04
C ARG A 396 9.70 16.17 -1.82
N VAL A 397 11.00 16.18 -1.99
CA VAL A 397 11.95 16.62 -0.96
C VAL A 397 13.02 17.44 -1.69
N ALA A 398 13.62 18.41 -1.01
CA ALA A 398 14.49 19.44 -1.60
C ALA A 398 15.89 18.85 -1.89
N ASP A 399 16.47 18.06 -0.97
CA ASP A 399 17.90 17.66 -1.05
C ASP A 399 18.09 16.14 -0.85
N GLY A 400 19.33 15.67 -1.08
CA GLY A 400 19.72 14.25 -1.18
C GLY A 400 19.75 13.53 0.16
N GLU A 401 19.73 14.27 1.26
CA GLU A 401 19.74 13.68 2.63
C GLU A 401 18.28 13.52 3.13
N GLN A 402 17.44 14.56 3.21
CA GLN A 402 16.04 14.41 3.74
C GLN A 402 15.18 13.56 2.76
N ALA A 403 15.75 13.19 1.59
CA ALA A 403 15.42 12.00 0.75
C ALA A 403 15.72 10.72 1.54
N ILE A 404 16.98 10.42 1.90
CA ILE A 404 17.31 9.25 2.78
C ILE A 404 16.30 9.27 3.94
N ALA A 405 16.23 10.33 4.74
CA ALA A 405 15.26 10.51 5.85
C ALA A 405 13.89 9.91 5.50
N ALA A 406 13.41 10.14 4.27
CA ALA A 406 12.02 9.91 3.85
C ALA A 406 11.88 8.72 2.89
N ALA A 407 12.96 8.00 2.57
CA ALA A 407 13.00 6.79 1.69
C ALA A 407 13.17 5.53 2.53
N SER A 408 13.49 5.67 3.82
CA SER A 408 13.32 4.63 4.88
C SER A 408 11.92 4.83 5.47
N ALA A 409 11.73 5.86 6.29
CA ALA A 409 10.43 6.24 6.90
C ALA A 409 9.28 6.02 5.90
N GLY A 410 9.53 6.28 4.61
CA GLY A 410 8.52 6.14 3.55
C GLY A 410 8.36 4.71 3.09
N VAL A 411 7.29 4.49 2.30
CA VAL A 411 7.13 3.31 1.40
C VAL A 411 6.63 3.79 0.04
N TYR A 412 7.42 3.47 -1.00
CA TYR A 412 7.35 4.00 -2.38
C TYR A 412 7.76 2.92 -3.36
N ASP A 413 7.49 3.14 -4.64
CA ASP A 413 7.60 2.15 -5.75
C ASP A 413 8.70 2.59 -6.72
N LEU A 414 8.97 3.89 -6.85
CA LEU A 414 10.09 4.45 -7.63
C LEU A 414 10.71 5.63 -6.86
N ILE A 415 11.94 6.04 -7.19
CA ILE A 415 12.64 7.22 -6.61
C ILE A 415 13.31 7.97 -7.78
N LEU A 416 12.88 9.22 -8.01
CA LEU A 416 13.50 10.11 -9.03
C LEU A 416 14.49 11.01 -8.30
N MET A 417 15.77 10.90 -8.67
CA MET A 417 16.92 11.57 -8.02
C MET A 417 17.61 12.53 -9.01
N ASP A 418 17.61 13.83 -8.69
CA ASP A 418 18.58 14.82 -9.24
C ASP A 418 20.01 14.44 -8.79
N LEU A 419 21.03 14.74 -9.60
CA LEU A 419 22.44 14.45 -9.25
C LEU A 419 23.11 15.73 -8.72
N ARG A 420 23.20 16.80 -9.51
CA ARG A 420 23.79 18.12 -9.08
C ARG A 420 22.79 18.83 -8.18
N MET A 421 22.49 18.23 -7.03
CA MET A 421 21.68 18.80 -5.92
C MET A 421 22.61 19.07 -4.74
N PRO A 422 22.47 20.19 -4.00
CA PRO A 422 23.26 20.44 -2.79
C PRO A 422 22.76 19.59 -1.61
N GLY A 423 23.41 19.68 -0.44
CA GLY A 423 23.25 18.71 0.65
C GLY A 423 24.11 17.48 0.38
N LEU A 424 23.54 16.43 -0.23
CA LEU A 424 24.32 15.26 -0.71
C LEU A 424 24.17 15.06 -2.22
N THR A 425 25.29 14.86 -2.93
CA THR A 425 25.37 14.32 -4.31
C THR A 425 24.32 13.22 -4.47
N GLY A 426 23.67 13.15 -5.64
CA GLY A 426 22.75 12.05 -5.97
C GLY A 426 23.40 10.70 -5.76
N ILE A 427 24.68 10.55 -6.12
CA ILE A 427 25.40 9.24 -6.17
C ILE A 427 25.60 8.72 -4.75
N GLU A 428 26.03 9.61 -3.83
CA GLU A 428 26.31 9.26 -2.40
C GLU A 428 24.97 9.14 -1.64
N ALA A 429 23.87 9.60 -2.23
CA ALA A 429 22.53 9.46 -1.63
C ALA A 429 22.00 8.07 -1.97
N ALA A 430 22.33 7.60 -3.18
CA ALA A 430 21.96 6.25 -3.64
C ALA A 430 22.67 5.24 -2.72
N ARG A 431 23.96 4.99 -2.99
CA ARG A 431 24.99 4.40 -2.08
C ARG A 431 24.52 4.35 -0.62
N ALA A 432 24.01 5.46 -0.07
CA ALA A 432 23.64 5.61 1.35
C ALA A 432 22.46 4.69 1.65
N LEU A 433 21.45 4.74 0.78
CA LEU A 433 20.19 3.95 0.86
C LEU A 433 20.48 2.47 0.59
N ARG A 434 21.29 2.18 -0.43
CA ARG A 434 21.68 0.80 -0.85
C ARG A 434 22.45 0.13 0.30
N ALA A 435 23.25 0.90 1.06
CA ALA A 435 24.05 0.44 2.22
C ALA A 435 23.19 0.43 3.50
N LYS A 436 22.06 1.14 3.51
CA LYS A 436 21.12 1.20 4.67
C LYS A 436 20.18 -0.01 4.59
N GLY A 437 20.20 -0.76 3.48
CA GLY A 437 19.37 -1.95 3.23
C GLY A 437 18.29 -1.75 2.16
N VAL A 438 17.61 -0.59 2.13
CA VAL A 438 16.36 -0.40 1.34
C VAL A 438 16.58 -0.74 -0.15
N ALA A 439 15.56 -1.41 -0.74
CA ALA A 439 15.60 -2.13 -2.03
C ALA A 439 14.83 -1.38 -3.16
N THR A 440 13.99 -0.38 -2.85
CA THR A 440 13.19 0.40 -3.86
C THR A 440 14.05 0.80 -5.05
N PRO A 441 13.58 0.72 -6.32
CA PRO A 441 14.38 1.15 -7.46
C PRO A 441 14.67 2.66 -7.42
N ILE A 442 15.74 3.12 -8.07
CA ILE A 442 16.15 4.57 -8.14
C ILE A 442 16.55 4.93 -9.57
N ALA A 443 15.89 5.92 -10.16
CA ALA A 443 16.24 6.53 -11.45
C ALA A 443 16.84 7.91 -11.19
N ALA A 444 17.95 8.24 -11.85
CA ALA A 444 18.60 9.56 -11.80
C ALA A 444 18.04 10.44 -12.91
N LEU A 445 17.92 11.75 -12.68
CA LEU A 445 17.68 12.78 -13.73
C LEU A 445 19.01 13.55 -13.95
N THR A 446 19.39 13.80 -15.21
CA THR A 446 20.18 15.00 -15.63
C THR A 446 20.41 15.00 -17.15
N ALA A 447 20.99 16.11 -17.65
CA ALA A 447 21.57 16.32 -19.00
C ALA A 447 23.09 16.06 -18.96
N ASP A 453 28.18 10.56 -15.79
CA ASP A 453 29.12 9.55 -16.35
C ASP A 453 28.66 8.16 -15.89
N ARG A 454 27.62 7.64 -16.57
CA ARG A 454 26.50 6.87 -15.97
C ARG A 454 26.88 5.45 -15.54
N ARG A 455 28.04 4.92 -15.91
CA ARG A 455 28.36 3.49 -15.62
C ARG A 455 28.62 3.30 -14.11
N THR A 456 29.12 4.33 -13.41
CA THR A 456 29.32 4.35 -11.93
C THR A 456 27.97 4.49 -11.23
N CYS A 457 27.12 5.37 -11.75
CA CYS A 457 25.70 5.55 -11.33
C CYS A 457 25.12 4.15 -11.01
N LEU A 458 25.13 3.25 -11.98
CA LEU A 458 24.54 1.90 -11.89
C LEU A 458 25.13 1.14 -10.69
N ALA A 459 26.39 0.69 -10.81
CA ALA A 459 27.19 -0.05 -9.80
C ALA A 459 27.07 0.58 -8.40
N ALA A 460 27.05 1.92 -8.32
CA ALA A 460 26.78 2.68 -7.08
C ALA A 460 25.44 2.24 -6.47
N GLY A 461 24.44 1.86 -7.29
CA GLY A 461 23.15 1.26 -6.86
C GLY A 461 21.90 1.89 -7.49
N MET A 462 22.09 2.74 -8.49
CA MET A 462 21.00 3.39 -9.24
C MET A 462 20.57 2.44 -10.34
N ASP A 463 19.26 2.30 -10.62
CA ASP A 463 18.73 1.26 -11.54
C ASP A 463 18.53 1.78 -12.98
N ASP A 464 18.13 3.05 -13.14
CA ASP A 464 17.78 3.66 -14.46
C ASP A 464 18.35 5.09 -14.55
N PHE A 465 18.32 5.67 -15.75
CA PHE A 465 18.68 7.08 -16.01
C PHE A 465 17.48 7.72 -16.74
N LEU A 466 17.21 9.01 -16.47
CA LEU A 466 16.22 9.85 -17.22
C LEU A 466 16.78 11.24 -17.52
N VAL A 467 16.62 11.62 -18.79
CA VAL A 467 16.89 12.95 -19.39
C VAL A 467 16.02 14.01 -18.69
N LYS A 468 16.64 14.89 -17.91
CA LYS A 468 16.04 16.11 -17.30
C LYS A 468 16.28 17.29 -18.24
N PRO A 469 15.25 18.05 -18.64
CA PRO A 469 13.89 17.91 -18.10
C PRO A 469 13.06 16.68 -18.51
N LEU A 470 12.21 16.24 -17.59
CA LEU A 470 11.35 15.03 -17.69
C LEU A 470 10.33 15.18 -18.84
N THR A 471 9.83 14.05 -19.33
CA THR A 471 8.98 13.95 -20.55
C THR A 471 7.97 12.80 -20.39
N GLN A 472 6.71 13.07 -20.73
CA GLN A 472 5.59 12.09 -20.87
C GLN A 472 6.16 10.68 -21.14
N GLU A 473 6.82 10.45 -22.28
CA GLU A 473 7.09 9.11 -22.91
C GLU A 473 8.26 8.37 -22.21
N ALA A 474 9.29 9.10 -21.79
CA ALA A 474 10.36 8.65 -20.89
C ALA A 474 9.74 8.14 -19.59
N LEU A 475 8.88 8.94 -18.98
CA LEU A 475 8.31 8.64 -17.65
C LEU A 475 7.48 7.35 -17.73
N ARG A 476 6.80 7.13 -18.86
CA ARG A 476 5.97 5.91 -19.11
C ARG A 476 6.86 4.66 -19.07
N ASP A 477 7.86 4.59 -19.97
CA ASP A 477 8.95 3.57 -19.96
C ASP A 477 9.21 3.19 -18.50
N ALA A 478 9.73 4.14 -17.71
CA ALA A 478 10.13 3.92 -16.31
C ALA A 478 8.94 3.37 -15.51
N LEU A 479 7.73 3.90 -15.70
CA LEU A 479 6.59 3.47 -14.87
C LEU A 479 6.27 2.00 -15.14
N LYS A 480 6.33 1.59 -16.41
CA LYS A 480 6.03 0.22 -16.89
C LYS A 480 7.13 -0.77 -16.46
N ARG A 481 8.40 -0.32 -16.43
CA ARG A 481 9.61 -1.15 -16.17
C ARG A 481 9.76 -1.49 -14.67
N TRP A 482 9.42 -0.57 -13.76
CA TRP A 482 9.79 -0.68 -12.32
C TRP A 482 8.59 -0.77 -11.38
N THR A 483 7.35 -0.97 -11.87
CA THR A 483 6.07 -0.89 -11.10
C THR A 483 5.23 -2.17 -11.29
N THR A 484 5.77 -3.19 -11.99
CA THR A 484 5.04 -4.42 -12.45
C THR A 484 5.99 -5.63 -12.36
#